data_1N2L
#
_entry.id   1N2L
#
_cell.length_a   131.250
_cell.length_b   131.250
_cell.length_c   191.840
_cell.angle_alpha   90.00
_cell.angle_beta   90.00
_cell.angle_gamma   90.00
#
_symmetry.space_group_name_H-M   'I 4 2 2'
#
loop_
_entity.id
_entity.type
_entity.pdbx_description
1 polymer 'ARYLSULFATASE A'
2 branched 2-acetamido-2-deoxy-beta-D-glucopyranose-(1-4)-2-acetamido-2-deoxy-beta-D-glucopyranose
3 non-polymer 2-acetamido-2-deoxy-beta-D-glucopyranose
4 non-polymer 'CALCIUM ION'
5 water water
#
_entity_poly.entity_id   1
_entity_poly.type   'polypeptide(L)'
_entity_poly.pdbx_seq_one_letter_code
;RPPNIVLIFADDLGYGDLGCYGHPSSTTPNLDQLAAGGLRFTDFYVPVSL(FGP)TPSRAALLTGRLPVRMGMYPGVLVP
SSRGGLPLEEVTVAEVLAARGYLTGMAGKWHLGVGPEGAFLPPHQGFHRFLGIPYSHDQGPCQNLTCFPPATPCDGGCDQ
GLVPIPLLANLSVEAQPPWLPGLEARYMAFAHDLMADAQRQDRPFFLYYASHHTHYPQFSGQSFAERSGRGPFGDSLMEL
DAAVGTLMTAIGDLGLLEETLVIFTADNGPETMRMSRGGCSGLLRCGKGTTYEGGVREPALAFWPGHIAPGVTHELASSL
DLLPTLAALAGAPLPNVTLDGFDLSPLLLGTGKSPRQSLFFYPSYPDEVRGVFAVRTGKYKAHFFTQGSAHSDTTADPAC
HASSSLTAHEPPLLYDLSKDPGENYNLLGGVAGATPEVLQALKQLQLLKAQLDAAVTFGPSQVARGEDPALQICCHPGCT
PRPACCHCPDPHA
;
_entity_poly.pdbx_strand_id   A
#
# COMPACT_ATOMS: atom_id res chain seq x y z
N ARG A 1 18.41 -2.39 22.74
CA ARG A 1 18.25 -1.54 21.53
C ARG A 1 17.38 -2.23 20.48
N PRO A 2 16.29 -1.56 20.06
CA PRO A 2 15.34 -2.05 19.06
C PRO A 2 15.95 -2.14 17.65
N PRO A 3 15.31 -2.89 16.75
CA PRO A 3 15.77 -3.07 15.37
C PRO A 3 15.50 -1.90 14.44
N ASN A 4 16.28 -1.83 13.35
CA ASN A 4 16.13 -0.78 12.35
C ASN A 4 15.05 -1.24 11.37
N ILE A 5 13.87 -0.66 11.49
CA ILE A 5 12.74 -1.02 10.64
C ILE A 5 12.75 -0.29 9.30
N VAL A 6 12.56 -1.05 8.23
CA VAL A 6 12.51 -0.51 6.88
C VAL A 6 11.24 -1.09 6.26
N LEU A 7 10.20 -0.24 6.17
CA LEU A 7 8.91 -0.64 5.62
C LEU A 7 8.70 -0.13 4.20
N ILE A 8 8.83 -1.04 3.23
CA ILE A 8 8.64 -0.69 1.83
C ILE A 8 7.17 -0.91 1.49
N PHE A 9 6.57 0.06 0.79
CA PHE A 9 5.17 -0.05 0.43
C PHE A 9 4.98 0.25 -1.06
N ALA A 10 5.04 -0.79 -1.87
CA ALA A 10 4.86 -0.68 -3.31
C ALA A 10 3.46 -0.17 -3.65
N ASP A 11 3.30 0.34 -4.86
CA ASP A 11 2.02 0.90 -5.28
C ASP A 11 1.44 0.11 -6.44
N ASP A 12 0.23 -0.41 -6.24
CA ASP A 12 -0.48 -1.19 -7.25
C ASP A 12 0.26 -2.44 -7.74
N LEU A 13 0.77 -3.26 -6.82
CA LEU A 13 1.47 -4.48 -7.19
C LEU A 13 0.54 -5.68 -6.94
N GLY A 14 0.55 -6.63 -7.88
CA GLY A 14 -0.30 -7.81 -7.77
C GLY A 14 0.31 -9.00 -7.04
N TYR A 15 -0.55 -9.95 -6.69
CA TYR A 15 -0.12 -11.16 -5.98
C TYR A 15 0.79 -12.02 -6.84
N GLY A 16 0.55 -12.01 -8.15
CA GLY A 16 1.36 -12.82 -9.05
C GLY A 16 2.35 -12.02 -9.89
N ASP A 17 2.87 -10.93 -9.34
CA ASP A 17 3.82 -10.10 -10.07
C ASP A 17 5.29 -10.46 -9.79
N LEU A 18 5.64 -10.67 -8.53
CA LEU A 18 7.02 -11.01 -8.17
C LEU A 18 7.44 -12.35 -8.77
N GLY A 19 8.74 -12.48 -9.02
CA GLY A 19 9.25 -13.72 -9.59
C GLY A 19 9.10 -14.88 -8.63
N CYS A 20 9.29 -14.60 -7.34
CA CYS A 20 9.18 -15.60 -6.29
C CYS A 20 7.72 -15.95 -6.00
N TYR A 21 6.80 -15.27 -6.69
CA TYR A 21 5.39 -15.53 -6.52
C TYR A 21 4.78 -16.24 -7.73
N GLY A 22 5.60 -16.48 -8.74
CA GLY A 22 5.14 -17.20 -9.91
C GLY A 22 4.99 -16.54 -11.27
N HIS A 23 5.47 -15.31 -11.45
CA HIS A 23 5.33 -14.66 -12.76
C HIS A 23 6.41 -15.11 -13.75
N PRO A 24 6.00 -15.48 -14.99
CA PRO A 24 6.85 -15.94 -16.08
C PRO A 24 7.91 -14.99 -16.61
N SER A 25 7.58 -13.71 -16.75
CA SER A 25 8.50 -12.72 -17.29
C SER A 25 9.06 -11.68 -16.33
N SER A 26 8.33 -11.39 -15.26
CA SER A 26 8.79 -10.40 -14.29
C SER A 26 10.21 -10.67 -13.81
N THR A 27 11.00 -9.61 -13.73
CA THR A 27 12.39 -9.69 -13.28
C THR A 27 12.52 -8.96 -11.94
N THR A 28 12.58 -9.75 -10.86
CA THR A 28 12.71 -9.20 -9.52
C THR A 28 13.75 -9.96 -8.68
N PRO A 29 15.02 -9.92 -9.11
CA PRO A 29 16.15 -10.59 -8.44
C PRO A 29 16.32 -10.30 -6.96
N ASN A 30 16.47 -9.03 -6.61
CA ASN A 30 16.67 -8.63 -5.21
C ASN A 30 15.54 -9.06 -4.29
N LEU A 31 14.31 -8.91 -4.74
CA LEU A 31 13.15 -9.29 -3.93
C LEU A 31 13.04 -10.81 -3.77
N ASP A 32 13.44 -11.56 -4.79
CA ASP A 32 13.40 -13.01 -4.73
C ASP A 32 14.39 -13.51 -3.68
N GLN A 33 15.55 -12.86 -3.62
CA GLN A 33 16.59 -13.22 -2.66
C GLN A 33 16.14 -12.84 -1.26
N LEU A 34 15.43 -11.71 -1.14
CA LEU A 34 14.92 -11.24 0.12
C LEU A 34 13.91 -12.25 0.65
N ALA A 35 13.15 -12.82 -0.28
CA ALA A 35 12.12 -13.80 0.02
C ALA A 35 12.71 -15.19 0.25
N ALA A 36 13.89 -15.44 -0.33
CA ALA A 36 14.57 -16.72 -0.18
C ALA A 36 15.30 -16.74 1.17
N GLY A 37 15.62 -15.55 1.70
CA GLY A 37 16.31 -15.46 2.98
C GLY A 37 15.45 -14.95 4.13
N GLY A 38 14.13 -15.00 3.94
CA GLY A 38 13.21 -14.53 4.96
C GLY A 38 11.78 -14.94 4.65
N LEU A 39 10.92 -14.79 5.65
CA LEU A 39 9.49 -15.13 5.54
C LEU A 39 8.82 -14.61 4.28
N ARG A 40 7.88 -15.40 3.76
CA ARG A 40 7.10 -15.09 2.56
C ARG A 40 5.65 -15.48 2.84
N PHE A 41 4.83 -14.48 3.12
CA PHE A 41 3.42 -14.68 3.41
C PHE A 41 2.66 -15.04 2.14
N THR A 42 1.74 -15.99 2.26
CA THR A 42 0.92 -16.41 1.13
C THR A 42 -0.48 -15.86 1.32
N ASP A 43 -0.78 -15.49 2.56
CA ASP A 43 -2.08 -14.94 2.94
C ASP A 43 -1.91 -13.65 3.74
N PHE A 44 -1.54 -12.58 3.03
CA PHE A 44 -1.36 -11.27 3.64
C PHE A 44 -2.40 -10.36 3.00
N TYR A 45 -3.18 -9.67 3.81
CA TYR A 45 -4.24 -8.81 3.28
C TYR A 45 -4.17 -7.33 3.65
N VAL A 46 -5.03 -6.55 2.99
CA VAL A 46 -5.19 -5.12 3.20
C VAL A 46 -6.70 -4.90 3.31
N PRO A 47 -7.14 -4.06 4.27
CA PRO A 47 -8.57 -3.78 4.48
C PRO A 47 -9.36 -3.26 3.27
N VAL A 48 -8.77 -2.35 2.51
CA VAL A 48 -9.45 -1.79 1.33
C VAL A 48 -8.53 -1.86 0.11
N SER A 49 -9.13 -2.03 -1.06
CA SER A 49 -8.39 -2.14 -2.31
C SER A 49 -8.11 -0.81 -3.04
N LEU A 50 -7.68 0.21 -2.30
CA LEU A 50 -7.37 1.53 -2.87
C LEU A 50 -6.21 2.18 -2.11
N THR A 52 -5.45 5.52 -0.85
CA THR A 52 -5.74 6.29 0.37
C THR A 52 -6.10 5.45 1.60
N PRO A 53 -7.23 4.72 1.56
CA PRO A 53 -7.62 3.91 2.72
C PRO A 53 -6.60 2.86 3.14
N SER A 54 -6.03 2.15 2.17
CA SER A 54 -5.04 1.12 2.45
C SER A 54 -3.86 1.70 3.22
N ARG A 55 -3.33 2.80 2.70
CA ARG A 55 -2.20 3.49 3.30
C ARG A 55 -2.56 4.05 4.67
N ALA A 56 -3.79 4.53 4.81
CA ALA A 56 -4.28 5.07 6.07
C ALA A 56 -4.23 3.99 7.12
N ALA A 57 -4.71 2.80 6.76
CA ALA A 57 -4.74 1.65 7.66
C ALA A 57 -3.34 1.16 8.02
N LEU A 58 -2.41 1.28 7.08
CA LEU A 58 -1.04 0.84 7.30
C LEU A 58 -0.38 1.65 8.43
N LEU A 59 -0.49 2.96 8.34
CA LEU A 59 0.10 3.87 9.32
C LEU A 59 -0.63 3.96 10.65
N THR A 60 -1.95 4.03 10.62
CA THR A 60 -2.73 4.13 11.86
C THR A 60 -3.05 2.79 12.51
N GLY A 61 -3.02 1.72 11.72
CA GLY A 61 -3.33 0.40 12.24
C GLY A 61 -4.80 0.19 12.51
N ARG A 62 -5.63 1.12 12.04
CA ARG A 62 -7.07 1.07 12.23
C ARG A 62 -7.82 1.00 10.88
N LEU A 63 -9.07 0.54 10.94
CA LEU A 63 -9.91 0.42 9.75
C LEU A 63 -10.24 1.78 9.18
N PRO A 64 -9.99 1.98 7.87
CA PRO A 64 -10.24 3.22 7.14
C PRO A 64 -11.58 3.90 7.42
N VAL A 65 -12.62 3.11 7.60
CA VAL A 65 -13.95 3.67 7.86
C VAL A 65 -14.05 4.42 9.19
N ARG A 66 -13.13 4.12 10.11
CA ARG A 66 -13.13 4.76 11.42
C ARG A 66 -12.73 6.23 11.34
N MET A 67 -11.64 6.50 10.63
CA MET A 67 -11.11 7.85 10.48
C MET A 67 -11.70 8.66 9.31
N GLY A 68 -12.75 8.10 8.69
CA GLY A 68 -13.39 8.78 7.59
C GLY A 68 -12.60 8.84 6.29
N MET A 69 -11.66 7.91 6.11
CA MET A 69 -10.86 7.85 4.90
C MET A 69 -11.59 7.16 3.75
N TYR A 70 -12.74 7.74 3.40
CA TYR A 70 -13.60 7.24 2.34
C TYR A 70 -14.48 8.40 1.91
N PRO A 71 -15.16 8.29 0.76
CA PRO A 71 -15.12 7.14 -0.15
C PRO A 71 -14.11 7.41 -1.26
N GLY A 72 -13.56 6.34 -1.85
CA GLY A 72 -12.58 6.52 -2.90
C GLY A 72 -11.28 7.07 -2.36
N VAL A 73 -10.49 7.70 -3.22
CA VAL A 73 -9.21 8.28 -2.83
C VAL A 73 -9.19 9.81 -2.86
N LEU A 74 -8.18 10.38 -2.21
CA LEU A 74 -8.00 11.83 -2.15
C LEU A 74 -7.36 12.38 -3.41
N VAL A 75 -7.85 13.53 -3.86
CA VAL A 75 -7.31 14.21 -5.05
C VAL A 75 -6.47 15.39 -4.56
N PRO A 76 -5.70 16.02 -5.45
CA PRO A 76 -4.86 17.15 -5.07
C PRO A 76 -5.58 18.36 -4.44
N SER A 77 -6.75 18.70 -4.96
CA SER A 77 -7.50 19.83 -4.44
C SER A 77 -8.42 19.50 -3.25
N SER A 78 -8.25 18.32 -2.67
CA SER A 78 -9.07 17.89 -1.53
C SER A 78 -8.80 18.73 -0.28
N ARG A 79 -9.82 18.90 0.54
CA ARG A 79 -9.71 19.67 1.77
C ARG A 79 -9.32 18.80 2.96
N GLY A 80 -9.70 17.52 2.89
CA GLY A 80 -9.41 16.59 3.95
C GLY A 80 -8.09 15.85 3.86
N GLY A 81 -7.83 15.03 4.87
CA GLY A 81 -6.61 14.23 4.92
C GLY A 81 -6.62 13.41 6.19
N LEU A 82 -5.58 12.60 6.40
CA LEU A 82 -5.50 11.77 7.60
C LEU A 82 -5.43 12.67 8.82
N PRO A 83 -6.47 12.62 9.68
CA PRO A 83 -6.56 13.41 10.90
C PRO A 83 -5.32 13.31 11.77
N LEU A 84 -4.87 14.45 12.28
CA LEU A 84 -3.69 14.53 13.13
C LEU A 84 -3.91 13.86 14.48
N GLU A 85 -5.17 13.73 14.88
CA GLU A 85 -5.50 13.08 16.15
C GLU A 85 -5.12 11.60 16.07
N GLU A 86 -5.11 11.07 14.84
CA GLU A 86 -4.75 9.68 14.58
C GLU A 86 -3.25 9.49 14.72
N VAL A 87 -2.85 8.55 15.56
CA VAL A 87 -1.44 8.26 15.80
C VAL A 87 -0.92 7.25 14.78
N THR A 88 0.16 7.61 14.09
CA THR A 88 0.75 6.71 13.09
C THR A 88 1.87 5.89 13.70
N VAL A 89 2.37 4.94 12.91
CA VAL A 89 3.46 4.08 13.34
C VAL A 89 4.71 4.93 13.51
N ALA A 90 4.78 6.03 12.77
CA ALA A 90 5.91 6.95 12.83
C ALA A 90 5.93 7.70 14.16
N GLU A 91 4.74 8.07 14.65
CA GLU A 91 4.62 8.78 15.92
C GLU A 91 5.02 7.90 17.10
N VAL A 92 4.56 6.66 17.08
CA VAL A 92 4.84 5.70 18.14
C VAL A 92 6.34 5.43 18.24
N LEU A 93 7.00 5.29 17.10
CA LEU A 93 8.42 5.02 17.05
C LEU A 93 9.26 6.25 17.39
N ALA A 94 8.78 7.43 17.00
CA ALA A 94 9.48 8.69 17.26
C ALA A 94 9.70 8.89 18.76
N ALA A 95 8.68 8.58 19.55
CA ALA A 95 8.74 8.70 21.00
C ALA A 95 9.70 7.67 21.58
N ARG A 96 9.86 6.55 20.87
CA ARG A 96 10.75 5.49 21.30
C ARG A 96 12.20 5.86 20.96
N GLY A 97 12.38 7.07 20.43
CA GLY A 97 13.70 7.54 20.07
C GLY A 97 14.15 7.11 18.69
N TYR A 98 13.20 6.97 17.78
CA TYR A 98 13.52 6.56 16.42
C TYR A 98 13.68 7.76 15.50
N LEU A 99 14.56 7.59 14.51
CA LEU A 99 14.79 8.62 13.52
C LEU A 99 13.90 8.21 12.35
N THR A 100 12.65 8.68 12.38
CA THR A 100 11.68 8.36 11.34
C THR A 100 11.98 9.08 10.03
N GLY A 101 11.56 8.47 8.93
CA GLY A 101 11.79 9.05 7.62
C GLY A 101 10.96 8.41 6.53
N MET A 102 10.37 9.24 5.67
CA MET A 102 9.55 8.76 4.57
C MET A 102 10.07 9.23 3.22
N ALA A 103 9.94 8.38 2.21
CA ALA A 103 10.39 8.72 0.87
C ALA A 103 9.36 8.27 -0.15
N GLY A 104 8.75 9.21 -0.85
CA GLY A 104 7.78 8.85 -1.86
C GLY A 104 6.35 9.31 -1.67
N LYS A 105 5.44 8.48 -2.17
CA LYS A 105 4.00 8.74 -2.13
C LYS A 105 3.35 8.77 -0.74
N TRP A 106 2.63 9.85 -0.48
CA TRP A 106 1.93 10.05 0.79
C TRP A 106 0.45 9.65 0.61
N HIS A 107 -0.23 10.39 -0.26
CA HIS A 107 -1.64 10.18 -0.59
C HIS A 107 -2.55 10.07 0.62
N LEU A 108 -2.26 10.86 1.66
CA LEU A 108 -3.06 10.86 2.87
C LEU A 108 -3.51 12.28 3.23
N GLY A 109 -3.64 13.11 2.20
CA GLY A 109 -4.07 14.48 2.39
C GLY A 109 -2.97 15.51 2.39
N VAL A 110 -3.32 16.72 1.96
CA VAL A 110 -2.41 17.85 1.91
C VAL A 110 -3.03 18.96 2.75
N GLY A 111 -4.27 19.34 2.40
CA GLY A 111 -4.97 20.38 3.14
C GLY A 111 -4.45 21.78 2.91
N PRO A 112 -4.79 22.72 3.81
CA PRO A 112 -4.43 24.15 3.82
C PRO A 112 -2.94 24.47 3.68
N GLU A 113 -2.26 24.66 4.81
CA GLU A 113 -0.82 24.97 4.81
C GLU A 113 0.00 23.67 4.85
N GLY A 114 -0.58 22.60 4.35
CA GLY A 114 0.10 21.31 4.34
C GLY A 114 0.02 20.65 5.70
N ALA A 115 -1.08 20.94 6.40
CA ALA A 115 -1.32 20.42 7.75
C ALA A 115 -1.38 18.90 7.81
N PHE A 116 -1.56 18.26 6.66
CA PHE A 116 -1.65 16.81 6.60
C PHE A 116 -0.41 16.12 6.05
N LEU A 117 0.63 16.90 5.77
CA LEU A 117 1.88 16.37 5.23
C LEU A 117 2.62 15.54 6.28
N PRO A 118 3.51 14.61 5.85
CA PRO A 118 4.29 13.73 6.71
C PRO A 118 4.91 14.38 7.97
N PRO A 119 5.54 15.56 7.83
CA PRO A 119 6.15 16.22 8.99
C PRO A 119 5.20 16.46 10.17
N HIS A 120 3.90 16.50 9.89
CA HIS A 120 2.93 16.71 10.94
C HIS A 120 2.37 15.40 11.50
N GLN A 121 2.57 14.31 10.77
CA GLN A 121 2.09 13.01 11.18
C GLN A 121 3.12 12.15 11.92
N GLY A 122 4.33 12.67 12.11
CA GLY A 122 5.33 11.91 12.83
C GLY A 122 6.69 11.67 12.18
N PHE A 123 6.83 12.04 10.91
CA PHE A 123 8.10 11.84 10.21
C PHE A 123 9.03 13.04 10.38
N HIS A 124 10.29 12.76 10.66
CA HIS A 124 11.30 13.80 10.83
C HIS A 124 11.71 14.35 9.48
N ARG A 125 12.09 13.45 8.59
CA ARG A 125 12.51 13.84 7.25
C ARG A 125 11.50 13.31 6.24
N PHE A 126 11.46 13.95 5.07
CA PHE A 126 10.54 13.58 4.01
C PHE A 126 11.04 14.07 2.65
N LEU A 127 10.71 13.28 1.63
CA LEU A 127 11.07 13.57 0.24
C LEU A 127 10.14 12.70 -0.62
N GLY A 128 9.24 13.34 -1.35
CA GLY A 128 8.32 12.59 -2.17
C GLY A 128 7.10 13.37 -2.57
N ILE A 129 6.30 12.78 -3.46
CA ILE A 129 5.09 13.39 -3.97
C ILE A 129 3.92 13.18 -2.99
N PRO A 130 3.19 14.27 -2.68
CA PRO A 130 2.05 14.24 -1.75
C PRO A 130 0.87 13.33 -2.13
N TYR A 131 0.90 12.80 -3.35
CA TYR A 131 -0.17 11.92 -3.83
C TYR A 131 0.27 11.12 -5.06
N SER A 132 -0.64 10.31 -5.60
CA SER A 132 -0.34 9.50 -6.79
C SER A 132 0.30 10.36 -7.86
N HIS A 133 1.41 9.90 -8.42
CA HIS A 133 2.13 10.65 -9.45
C HIS A 133 1.39 10.84 -10.77
N ASP A 134 0.20 10.28 -10.90
CA ASP A 134 -0.58 10.43 -12.11
C ASP A 134 -1.64 11.52 -11.95
N GLN A 135 -1.75 12.06 -10.74
CA GLN A 135 -2.71 13.11 -10.44
C GLN A 135 -2.19 14.50 -10.83
N GLY A 136 -1.75 14.60 -12.07
CA GLY A 136 -1.21 15.83 -12.63
C GLY A 136 -0.88 15.54 -14.07
N PRO A 137 -1.12 16.49 -15.00
CA PRO A 137 -0.84 16.31 -16.43
C PRO A 137 0.56 15.79 -16.73
N CYS A 138 0.63 14.73 -17.54
CA CYS A 138 1.91 14.13 -17.89
C CYS A 138 2.19 14.05 -19.39
N GLN A 139 1.49 14.85 -20.17
CA GLN A 139 1.68 14.84 -21.63
C GLN A 139 3.13 15.14 -22.00
N ASN A 140 3.67 16.19 -21.39
CA ASN A 140 5.04 16.59 -21.65
C ASN A 140 6.07 15.81 -20.83
N LEU A 141 5.63 15.25 -19.70
CA LEU A 141 6.50 14.48 -18.82
C LEU A 141 7.11 13.26 -19.50
N THR A 142 8.36 12.97 -19.16
CA THR A 142 9.08 11.83 -19.71
C THR A 142 9.16 10.71 -18.67
N CYS A 143 8.65 9.54 -19.05
CA CYS A 143 8.65 8.37 -18.17
C CYS A 143 9.89 7.51 -18.33
N PHE A 144 10.38 7.41 -19.56
CA PHE A 144 11.57 6.63 -19.85
C PHE A 144 12.53 7.43 -20.72
N PRO A 145 13.80 7.53 -20.32
CA PRO A 145 14.79 8.28 -21.08
C PRO A 145 15.11 7.55 -22.40
N PRO A 146 15.66 8.27 -23.39
CA PRO A 146 15.99 9.69 -23.37
C PRO A 146 14.80 10.65 -23.37
N ALA A 147 13.77 10.34 -24.16
CA ALA A 147 12.60 11.20 -24.23
C ALA A 147 11.29 10.46 -24.51
N THR A 148 11.14 9.26 -23.96
CA THR A 148 9.92 8.47 -24.15
C THR A 148 8.86 9.03 -23.18
N PRO A 149 7.78 9.61 -23.73
CA PRO A 149 6.67 10.21 -22.97
C PRO A 149 5.86 9.21 -22.15
N CYS A 150 5.13 9.75 -21.18
CA CYS A 150 4.26 8.93 -20.33
C CYS A 150 2.94 8.80 -21.07
N ASP A 151 2.48 7.56 -21.24
CA ASP A 151 1.23 7.31 -21.94
C ASP A 151 0.01 7.80 -21.16
N GLY A 152 -1.07 8.09 -21.89
CA GLY A 152 -2.30 8.53 -21.26
C GLY A 152 -2.45 10.01 -20.96
N GLY A 153 -1.35 10.66 -20.58
CA GLY A 153 -1.42 12.08 -20.27
C GLY A 153 -1.79 12.37 -18.83
N CYS A 154 -2.27 11.35 -18.12
CA CYS A 154 -2.66 11.48 -16.71
C CYS A 154 -3.80 12.48 -16.47
N ASP A 155 -3.99 12.87 -15.21
CA ASP A 155 -5.06 13.80 -14.84
C ASP A 155 -4.82 15.23 -15.33
N GLN A 156 -5.77 15.76 -16.09
CA GLN A 156 -5.67 17.11 -16.64
C GLN A 156 -6.31 18.16 -15.74
N GLY A 157 -6.04 19.43 -16.06
CA GLY A 157 -6.59 20.54 -15.30
C GLY A 157 -6.06 20.66 -13.88
N LEU A 158 -4.89 20.08 -13.64
CA LEU A 158 -4.29 20.12 -12.33
C LEU A 158 -2.86 20.63 -12.35
N VAL A 159 -2.42 21.10 -11.19
CA VAL A 159 -1.07 21.61 -11.02
C VAL A 159 -0.11 20.42 -11.11
N PRO A 160 0.96 20.54 -11.91
CA PRO A 160 1.95 19.47 -12.08
C PRO A 160 2.42 18.92 -10.73
N ILE A 161 2.63 17.61 -10.67
CA ILE A 161 3.07 16.95 -9.43
C ILE A 161 4.36 17.52 -8.87
N PRO A 162 4.30 18.01 -7.62
CA PRO A 162 5.48 18.59 -6.97
C PRO A 162 6.25 17.54 -6.17
N LEU A 163 7.55 17.76 -6.02
CA LEU A 163 8.41 16.89 -5.24
C LEU A 163 8.67 17.66 -3.96
N LEU A 164 7.95 17.30 -2.90
CA LEU A 164 8.08 17.99 -1.63
C LEU A 164 9.18 17.50 -0.71
N ALA A 165 10.10 18.40 -0.38
CA ALA A 165 11.16 18.10 0.55
C ALA A 165 10.58 18.72 1.83
N ASN A 166 10.09 17.86 2.72
CA ASN A 166 9.45 18.30 3.96
C ASN A 166 8.18 19.07 3.61
N LEU A 167 8.21 20.40 3.73
CA LEU A 167 7.03 21.21 3.42
C LEU A 167 7.22 22.15 2.25
N SER A 168 8.41 22.15 1.65
CA SER A 168 8.71 23.03 0.52
C SER A 168 9.00 22.26 -0.76
N VAL A 169 8.52 22.78 -1.88
CA VAL A 169 8.71 22.17 -3.18
C VAL A 169 10.16 22.19 -3.60
N GLU A 170 10.68 21.03 -4.00
CA GLU A 170 12.06 20.93 -4.45
C GLU A 170 12.10 20.93 -5.98
N ALA A 171 11.00 20.49 -6.58
CA ALA A 171 10.87 20.43 -8.03
C ALA A 171 9.41 20.28 -8.39
N GLN A 172 9.05 20.67 -9.61
CA GLN A 172 7.67 20.58 -10.06
C GLN A 172 7.55 20.89 -11.53
N PRO A 173 7.40 19.86 -12.38
CA PRO A 173 7.34 18.44 -11.99
C PRO A 173 8.74 17.85 -11.91
N PRO A 174 8.97 16.90 -10.97
CA PRO A 174 10.28 16.26 -10.83
C PRO A 174 10.57 15.31 -11.99
N TRP A 175 11.85 15.16 -12.34
CA TRP A 175 12.25 14.28 -13.43
C TRP A 175 12.04 12.84 -12.97
N LEU A 176 11.03 12.19 -13.54
CA LEU A 176 10.68 10.82 -13.19
C LEU A 176 11.79 9.79 -13.42
N PRO A 177 12.50 9.85 -14.56
CA PRO A 177 13.57 8.88 -14.82
C PRO A 177 14.72 9.03 -13.84
N GLY A 178 14.57 9.94 -12.88
CA GLY A 178 15.59 10.14 -11.87
C GLY A 178 15.00 10.43 -10.50
N LEU A 179 13.70 10.24 -10.34
CA LEU A 179 13.01 10.47 -9.07
C LEU A 179 13.43 9.41 -8.06
N GLU A 180 13.55 8.19 -8.54
CA GLU A 180 13.95 7.06 -7.73
C GLU A 180 15.32 7.28 -7.06
N ALA A 181 16.28 7.79 -7.85
CA ALA A 181 17.64 8.10 -7.37
C ALA A 181 17.61 8.99 -6.13
N ARG A 182 16.77 10.02 -6.15
CA ARG A 182 16.67 10.93 -5.01
C ARG A 182 16.19 10.25 -3.74
N TYR A 183 15.31 9.25 -3.89
CA TYR A 183 14.77 8.53 -2.76
C TYR A 183 15.81 7.65 -2.10
N MET A 184 16.59 6.94 -2.92
CA MET A 184 17.63 6.05 -2.41
C MET A 184 18.70 6.86 -1.71
N ALA A 185 19.00 8.04 -2.24
CA ALA A 185 20.00 8.93 -1.67
C ALA A 185 19.49 9.34 -0.29
N PHE A 186 18.26 9.85 -0.25
CA PHE A 186 17.61 10.28 0.99
C PHE A 186 17.60 9.16 2.03
N ALA A 187 17.46 7.93 1.56
CA ALA A 187 17.43 6.77 2.44
C ALA A 187 18.81 6.52 3.05
N HIS A 188 19.82 6.41 2.19
CA HIS A 188 21.20 6.19 2.62
C HIS A 188 21.63 7.19 3.69
N ASP A 189 21.32 8.46 3.45
CA ASP A 189 21.67 9.53 4.40
C ASP A 189 20.93 9.32 5.72
N LEU A 190 19.64 8.98 5.63
CA LEU A 190 18.82 8.76 6.82
C LEU A 190 19.42 7.67 7.70
N MET A 191 19.84 6.58 7.06
CA MET A 191 20.43 5.45 7.78
C MET A 191 21.80 5.79 8.34
N ALA A 192 22.61 6.45 7.52
CA ALA A 192 23.97 6.84 7.93
C ALA A 192 23.91 7.76 9.15
N ASP A 193 23.07 8.79 9.07
CA ASP A 193 22.93 9.75 10.16
C ASP A 193 22.46 9.07 11.43
N ALA A 194 21.48 8.18 11.31
CA ALA A 194 20.95 7.45 12.44
C ALA A 194 22.03 6.61 13.08
N GLN A 195 22.91 6.05 12.24
CA GLN A 195 24.01 5.22 12.72
C GLN A 195 25.02 6.02 13.52
N ARG A 196 25.41 7.19 13.00
CA ARG A 196 26.38 8.05 13.69
C ARG A 196 25.76 8.89 14.81
N GLN A 197 24.49 8.64 15.10
CA GLN A 197 23.78 9.32 16.17
C GLN A 197 23.42 8.27 17.23
N ASP A 198 23.79 7.02 16.94
CA ASP A 198 23.50 5.89 17.82
C ASP A 198 21.99 5.87 18.06
N ARG A 199 21.26 5.97 16.96
CA ARG A 199 19.80 6.04 16.97
C ARG A 199 19.22 5.12 15.89
N PRO A 200 18.15 4.37 16.23
CA PRO A 200 17.51 3.46 15.27
C PRO A 200 16.64 4.22 14.25
N PHE A 201 16.77 3.87 12.98
CA PHE A 201 16.01 4.54 11.93
C PHE A 201 14.74 3.79 11.51
N PHE A 202 13.79 4.55 10.97
CA PHE A 202 12.53 4.00 10.47
C PHE A 202 12.32 4.54 9.07
N LEU A 203 12.68 3.74 8.07
CA LEU A 203 12.53 4.13 6.67
C LEU A 203 11.25 3.61 6.03
N TYR A 204 10.33 4.54 5.77
CA TYR A 204 9.06 4.20 5.13
C TYR A 204 9.20 4.55 3.66
N TYR A 205 9.55 3.55 2.86
CA TYR A 205 9.74 3.73 1.43
C TYR A 205 8.47 3.42 0.64
N ALA A 206 7.65 4.45 0.44
CA ALA A 206 6.40 4.30 -0.31
C ALA A 206 6.71 4.63 -1.76
N SER A 207 7.05 3.60 -2.52
CA SER A 207 7.39 3.80 -3.92
C SER A 207 6.18 4.09 -4.80
N HIS A 208 6.44 4.85 -5.86
CA HIS A 208 5.44 5.18 -6.85
C HIS A 208 5.51 3.97 -7.76
N HIS A 209 6.49 3.09 -7.49
CA HIS A 209 6.64 1.94 -8.35
C HIS A 209 5.54 0.90 -8.50
N THR A 210 5.24 0.77 -9.78
CA THR A 210 4.23 -0.05 -10.47
C THR A 210 2.81 0.52 -10.47
N HIS A 211 2.77 1.84 -10.25
CA HIS A 211 1.54 2.61 -10.32
C HIS A 211 1.74 3.34 -11.62
N TYR A 212 0.64 3.68 -12.28
CA TYR A 212 0.68 4.38 -13.55
C TYR A 212 0.90 5.88 -13.36
N PRO A 213 1.65 6.52 -14.28
CA PRO A 213 2.27 5.93 -15.47
C PRO A 213 3.58 5.22 -15.13
N GLN A 214 3.87 4.14 -15.84
CA GLN A 214 5.09 3.38 -15.60
C GLN A 214 6.31 4.16 -16.04
N PHE A 215 7.26 4.34 -15.13
CA PHE A 215 8.49 5.08 -15.42
C PHE A 215 9.73 4.35 -14.92
N SER A 216 10.88 4.71 -15.47
CA SER A 216 12.14 4.10 -15.08
C SER A 216 13.34 4.87 -15.59
N GLY A 217 14.51 4.57 -15.01
CA GLY A 217 15.74 5.23 -15.41
C GLY A 217 16.33 4.50 -16.60
N GLN A 218 17.39 5.07 -17.17
CA GLN A 218 18.06 4.48 -18.34
C GLN A 218 18.62 3.08 -18.03
N SER A 219 18.83 2.81 -16.75
CA SER A 219 19.36 1.53 -16.32
C SER A 219 18.35 0.39 -16.39
N PHE A 220 17.08 0.72 -16.65
CA PHE A 220 16.04 -0.31 -16.73
C PHE A 220 15.19 -0.23 -17.99
N ALA A 221 15.25 0.89 -18.70
CA ALA A 221 14.47 1.04 -19.91
C ALA A 221 14.72 -0.13 -20.86
N GLU A 222 13.68 -0.93 -21.12
CA GLU A 222 13.74 -2.09 -22.02
C GLU A 222 14.83 -3.06 -21.57
N ARG A 223 14.84 -3.34 -20.27
CA ARG A 223 15.82 -4.23 -19.68
C ARG A 223 15.19 -5.34 -18.85
N SER A 224 13.86 -5.35 -18.70
CA SER A 224 13.15 -6.36 -17.90
C SER A 224 12.56 -7.55 -18.64
N GLY A 225 12.29 -7.40 -19.93
CA GLY A 225 11.70 -8.50 -20.69
C GLY A 225 10.19 -8.47 -20.61
N ARG A 226 9.64 -7.74 -19.63
CA ARG A 226 8.20 -7.63 -19.44
C ARG A 226 7.65 -6.23 -19.79
N GLY A 227 8.33 -5.52 -20.69
CA GLY A 227 7.89 -4.20 -21.10
C GLY A 227 7.89 -3.11 -20.04
N PRO A 228 7.13 -2.02 -20.26
CA PRO A 228 7.01 -0.86 -19.36
C PRO A 228 6.75 -1.20 -17.89
N PHE A 229 5.77 -2.07 -17.63
CA PHE A 229 5.47 -2.46 -16.26
C PHE A 229 6.66 -3.22 -15.69
N GLY A 230 7.26 -4.06 -16.52
CA GLY A 230 8.41 -4.83 -16.09
C GLY A 230 9.60 -3.94 -15.73
N ASP A 231 9.86 -2.94 -16.57
CA ASP A 231 10.96 -2.00 -16.36
C ASP A 231 10.77 -1.24 -15.05
N SER A 232 9.53 -0.81 -14.81
CA SER A 232 9.19 -0.07 -13.61
C SER A 232 9.36 -0.94 -12.36
N LEU A 233 9.06 -2.24 -12.51
CA LEU A 233 9.19 -3.19 -11.40
C LEU A 233 10.65 -3.52 -11.15
N MET A 234 11.43 -3.60 -12.22
CA MET A 234 12.86 -3.91 -12.13
C MET A 234 13.58 -2.81 -11.36
N GLU A 235 13.08 -1.59 -11.49
CA GLU A 235 13.66 -0.45 -10.79
C GLU A 235 13.31 -0.55 -9.30
N LEU A 236 12.06 -0.89 -9.01
CA LEU A 236 11.58 -1.05 -7.64
C LEU A 236 12.42 -2.14 -6.99
N ASP A 237 12.70 -3.19 -7.76
CA ASP A 237 13.50 -4.32 -7.28
C ASP A 237 14.93 -3.87 -6.97
N ALA A 238 15.49 -3.04 -7.86
CA ALA A 238 16.83 -2.53 -7.67
C ALA A 238 16.85 -1.63 -6.43
N ALA A 239 15.81 -0.82 -6.27
CA ALA A 239 15.69 0.09 -5.14
C ALA A 239 15.78 -0.69 -3.83
N VAL A 240 15.20 -1.89 -3.82
CA VAL A 240 15.24 -2.75 -2.65
C VAL A 240 16.66 -3.29 -2.49
N GLY A 241 17.32 -3.55 -3.61
CA GLY A 241 18.67 -4.06 -3.59
C GLY A 241 19.65 -3.04 -3.05
N THR A 242 19.57 -1.81 -3.57
CA THR A 242 20.46 -0.73 -3.13
C THR A 242 20.26 -0.43 -1.64
N LEU A 243 19.04 -0.62 -1.16
CA LEU A 243 18.74 -0.40 0.26
C LEU A 243 19.42 -1.49 1.07
N MET A 244 19.33 -2.73 0.58
CA MET A 244 19.93 -3.87 1.26
C MET A 244 21.45 -3.73 1.28
N THR A 245 21.99 -3.16 0.20
CA THR A 245 23.42 -2.94 0.07
C THR A 245 23.86 -1.87 1.08
N ALA A 246 23.13 -0.76 1.09
CA ALA A 246 23.41 0.35 1.99
C ALA A 246 23.39 -0.12 3.44
N ILE A 247 22.43 -0.98 3.77
CA ILE A 247 22.30 -1.53 5.12
C ILE A 247 23.44 -2.51 5.38
N GLY A 248 23.87 -3.20 4.33
CA GLY A 248 24.96 -4.15 4.45
C GLY A 248 26.28 -3.46 4.72
N ASP A 249 26.52 -2.35 4.01
CA ASP A 249 27.75 -1.58 4.16
C ASP A 249 27.87 -0.95 5.54
N LEU A 250 26.73 -0.71 6.17
CA LEU A 250 26.71 -0.12 7.51
C LEU A 250 26.75 -1.20 8.59
N GLY A 251 26.86 -2.45 8.15
CA GLY A 251 26.91 -3.59 9.07
C GLY A 251 25.65 -3.75 9.92
N LEU A 252 24.52 -3.31 9.39
CA LEU A 252 23.25 -3.38 10.12
C LEU A 252 22.32 -4.49 9.64
N LEU A 253 22.87 -5.51 8.99
CA LEU A 253 22.07 -6.61 8.47
C LEU A 253 21.24 -7.36 9.49
N GLU A 254 21.89 -7.90 10.52
CA GLU A 254 21.19 -8.63 11.56
C GLU A 254 20.49 -7.70 12.54
N GLU A 255 20.61 -6.39 12.31
CA GLU A 255 20.01 -5.36 13.17
C GLU A 255 18.97 -4.52 12.43
N THR A 256 18.56 -5.02 11.27
CA THR A 256 17.56 -4.34 10.44
C THR A 256 16.42 -5.26 9.99
N LEU A 257 15.20 -4.86 10.33
CA LEU A 257 13.99 -5.57 9.97
C LEU A 257 13.43 -4.98 8.68
N VAL A 258 13.37 -5.79 7.63
CA VAL A 258 12.85 -5.35 6.34
C VAL A 258 11.51 -5.98 6.00
N ILE A 259 10.55 -5.16 5.61
CA ILE A 259 9.21 -5.61 5.25
C ILE A 259 8.81 -5.05 3.88
N PHE A 260 8.24 -5.91 3.04
CA PHE A 260 7.80 -5.51 1.71
C PHE A 260 6.35 -5.90 1.50
N THR A 261 5.60 -5.03 0.82
CA THR A 261 4.18 -5.26 0.53
C THR A 261 3.73 -4.23 -0.52
N ALA A 262 2.47 -4.34 -0.92
CA ALA A 262 1.87 -3.42 -1.88
C ALA A 262 0.61 -2.90 -1.19
N ASP A 263 0.09 -1.76 -1.62
CA ASP A 263 -1.11 -1.22 -0.99
C ASP A 263 -2.42 -1.83 -1.47
N ASN A 264 -2.46 -2.26 -2.72
CA ASN A 264 -3.67 -2.88 -3.27
C ASN A 264 -3.42 -3.67 -4.54
N GLY A 265 -4.46 -4.40 -4.98
CA GLY A 265 -4.36 -5.21 -6.19
C GLY A 265 -4.01 -4.45 -7.46
N PRO A 266 -3.67 -5.18 -8.53
CA PRO A 266 -3.30 -4.62 -9.83
C PRO A 266 -4.44 -3.94 -10.56
N GLU A 267 -4.16 -2.76 -11.09
CA GLU A 267 -5.14 -2.02 -11.87
C GLU A 267 -5.05 -2.70 -13.21
N THR A 268 -6.04 -3.53 -13.51
CA THR A 268 -6.05 -4.27 -14.78
C THR A 268 -6.55 -3.47 -15.99
N MET A 269 -7.17 -2.33 -15.74
CA MET A 269 -7.64 -1.48 -16.84
C MET A 269 -6.44 -0.97 -17.63
N ARG A 270 -5.28 -1.04 -16.98
CA ARG A 270 -4.02 -0.59 -17.57
C ARG A 270 -3.50 -1.61 -18.57
N MET A 271 -4.14 -2.78 -18.58
CA MET A 271 -3.78 -3.86 -19.49
C MET A 271 -2.30 -4.27 -19.40
N SER A 272 -1.65 -4.49 -20.55
CA SER A 272 -0.25 -4.92 -20.64
C SER A 272 0.71 -4.13 -19.75
N ARG A 273 0.29 -2.95 -19.31
CA ARG A 273 1.08 -2.09 -18.47
C ARG A 273 0.58 -2.09 -17.03
N GLY A 274 -0.22 -3.09 -16.69
CA GLY A 274 -0.77 -3.21 -15.34
C GLY A 274 -0.22 -4.44 -14.63
N GLY A 275 -0.54 -4.57 -13.35
CA GLY A 275 -0.06 -5.71 -12.58
C GLY A 275 -0.75 -7.02 -12.92
N CYS A 276 -0.50 -8.03 -12.08
CA CYS A 276 -1.07 -9.36 -12.27
C CYS A 276 -1.38 -10.05 -10.95
N SER A 277 -2.66 -10.35 -10.75
CA SER A 277 -3.14 -11.01 -9.54
C SER A 277 -2.80 -12.51 -9.51
N GLY A 278 -2.43 -13.05 -10.67
CA GLY A 278 -2.10 -14.46 -10.75
C GLY A 278 -3.33 -15.34 -10.74
N LEU A 279 -3.34 -16.34 -9.88
CA LEU A 279 -4.48 -17.26 -9.77
C LEU A 279 -5.66 -16.59 -9.09
N LEU A 280 -5.38 -15.54 -8.31
CA LEU A 280 -6.42 -14.80 -7.61
C LEU A 280 -7.41 -14.13 -8.57
N ARG A 281 -8.58 -13.78 -8.06
CA ARG A 281 -9.63 -13.17 -8.87
C ARG A 281 -9.69 -11.64 -8.82
N CYS A 282 -9.90 -11.03 -9.98
CA CYS A 282 -10.00 -9.58 -10.12
C CYS A 282 -8.75 -8.81 -9.67
N GLY A 283 -8.94 -7.55 -9.31
CA GLY A 283 -7.82 -6.72 -8.87
C GLY A 283 -8.25 -5.52 -8.07
N LYS A 284 -7.51 -4.41 -8.25
CA LYS A 284 -7.75 -3.15 -7.56
C LYS A 284 -9.21 -2.70 -7.59
N GLY A 285 -9.71 -2.23 -6.46
CA GLY A 285 -11.08 -1.76 -6.37
C GLY A 285 -12.13 -2.78 -6.00
N THR A 286 -11.77 -4.07 -6.04
CA THR A 286 -12.71 -5.13 -5.69
C THR A 286 -12.33 -5.80 -4.38
N THR A 287 -13.29 -6.46 -3.75
CA THR A 287 -13.04 -7.16 -2.49
C THR A 287 -12.62 -8.61 -2.71
N TYR A 288 -12.36 -8.96 -3.97
CA TYR A 288 -11.92 -10.30 -4.32
C TYR A 288 -10.44 -10.43 -3.94
N GLU A 289 -9.97 -11.65 -3.81
CA GLU A 289 -8.58 -11.92 -3.44
C GLU A 289 -7.55 -11.14 -4.24
N GLY A 290 -7.76 -11.01 -5.55
CA GLY A 290 -6.84 -10.30 -6.41
C GLY A 290 -6.67 -8.83 -6.09
N GLY A 291 -7.61 -8.28 -5.33
CA GLY A 291 -7.55 -6.87 -4.98
C GLY A 291 -7.13 -6.59 -3.55
N VAL A 292 -7.35 -7.54 -2.65
CA VAL A 292 -7.00 -7.36 -1.25
C VAL A 292 -5.80 -8.15 -0.74
N ARG A 293 -5.50 -9.28 -1.38
CA ARG A 293 -4.37 -10.09 -0.95
C ARG A 293 -3.11 -9.64 -1.69
N GLU A 294 -2.21 -9.00 -0.93
CA GLU A 294 -0.96 -8.49 -1.48
C GLU A 294 0.21 -9.34 -1.04
N PRO A 295 1.32 -9.32 -1.80
CA PRO A 295 2.49 -10.12 -1.44
C PRO A 295 3.15 -9.52 -0.21
N ALA A 296 4.04 -10.29 0.42
CA ALA A 296 4.72 -9.82 1.62
C ALA A 296 5.99 -10.63 1.85
N LEU A 297 7.03 -9.96 2.34
CA LEU A 297 8.31 -10.60 2.59
C LEU A 297 8.99 -10.02 3.82
N ALA A 298 9.11 -10.81 4.88
CA ALA A 298 9.78 -10.36 6.09
C ALA A 298 11.25 -10.77 5.99
N PHE A 299 12.14 -9.88 6.38
CA PHE A 299 13.57 -10.16 6.34
C PHE A 299 14.25 -9.55 7.56
N TRP A 300 15.00 -10.37 8.28
CA TRP A 300 15.70 -9.94 9.49
C TRP A 300 16.53 -11.12 10.00
N PRO A 301 17.72 -11.33 9.43
CA PRO A 301 18.66 -12.40 9.76
C PRO A 301 18.86 -12.66 11.25
N GLY A 302 18.83 -13.93 11.62
CA GLY A 302 19.02 -14.32 13.01
C GLY A 302 17.74 -14.24 13.82
N HIS A 303 16.70 -13.66 13.24
CA HIS A 303 15.41 -13.52 13.93
C HIS A 303 14.29 -14.10 13.07
N ILE A 304 14.37 -13.87 11.77
CA ILE A 304 13.37 -14.36 10.84
C ILE A 304 13.88 -15.62 10.14
N ALA A 305 13.23 -16.74 10.43
CA ALA A 305 13.60 -18.01 9.84
C ALA A 305 13.09 -18.10 8.41
N PRO A 306 13.99 -18.44 7.46
CA PRO A 306 13.64 -18.55 6.04
C PRO A 306 12.56 -19.60 5.81
N GLY A 307 11.40 -19.15 5.33
CA GLY A 307 10.30 -20.06 5.07
C GLY A 307 9.10 -19.41 4.39
N VAL A 308 7.99 -20.13 4.41
CA VAL A 308 6.74 -19.66 3.81
C VAL A 308 5.60 -19.95 4.77
N THR A 309 4.99 -18.89 5.31
CA THR A 309 3.88 -19.06 6.24
C THR A 309 2.53 -18.78 5.58
N HIS A 310 1.53 -19.58 5.96
CA HIS A 310 0.19 -19.43 5.43
C HIS A 310 -0.71 -18.77 6.47
N GLU A 311 -0.12 -18.35 7.59
CA GLU A 311 -0.87 -17.70 8.66
C GLU A 311 -1.56 -16.43 8.20
N LEU A 312 -2.76 -16.18 8.74
CA LEU A 312 -3.51 -14.99 8.40
C LEU A 312 -2.81 -13.76 8.98
N ALA A 313 -2.65 -12.74 8.13
CA ALA A 313 -1.98 -11.51 8.51
C ALA A 313 -2.43 -10.34 7.63
N SER A 314 -2.49 -9.16 8.20
CA SER A 314 -2.91 -7.96 7.48
C SER A 314 -1.99 -6.78 7.74
N SER A 315 -2.07 -5.77 6.89
CA SER A 315 -1.26 -4.56 7.03
C SER A 315 -1.68 -3.82 8.28
N LEU A 316 -2.88 -4.15 8.78
CA LEU A 316 -3.42 -3.54 10.00
C LEU A 316 -2.62 -4.01 11.21
N ASP A 317 -1.87 -5.10 11.04
CA ASP A 317 -1.07 -5.67 12.12
C ASP A 317 0.36 -5.14 12.19
N LEU A 318 0.82 -4.47 11.13
CA LEU A 318 2.18 -3.95 11.12
C LEU A 318 2.52 -2.96 12.24
N LEU A 319 1.62 -2.03 12.55
CA LEU A 319 1.88 -1.06 13.61
C LEU A 319 2.17 -1.76 14.94
N PRO A 320 1.24 -2.60 15.44
CA PRO A 320 1.45 -3.31 16.71
C PRO A 320 2.69 -4.22 16.67
N THR A 321 2.91 -4.87 15.53
CA THR A 321 4.04 -5.77 15.37
C THR A 321 5.36 -5.00 15.50
N LEU A 322 5.47 -3.90 14.76
CA LEU A 322 6.66 -3.07 14.77
C LEU A 322 6.82 -2.34 16.11
N ALA A 323 5.70 -2.00 16.74
CA ALA A 323 5.72 -1.31 18.03
C ALA A 323 6.24 -2.28 19.10
N ALA A 324 5.86 -3.54 18.97
CA ALA A 324 6.28 -4.57 19.92
C ALA A 324 7.77 -4.84 19.81
N LEU A 325 8.28 -4.85 18.57
CA LEU A 325 9.69 -5.10 18.34
C LEU A 325 10.55 -3.94 18.84
N ALA A 326 9.99 -2.73 18.73
CA ALA A 326 10.68 -1.52 19.16
C ALA A 326 10.51 -1.26 20.65
N GLY A 327 9.65 -2.04 21.29
CA GLY A 327 9.40 -1.86 22.71
C GLY A 327 8.60 -0.59 22.97
N ALA A 328 8.10 0.00 21.89
CA ALA A 328 7.32 1.22 21.96
C ALA A 328 5.91 1.01 22.51
N PRO A 329 5.48 1.89 23.43
CA PRO A 329 4.17 1.84 24.07
C PRO A 329 3.04 2.02 23.05
N LEU A 330 2.06 1.11 23.09
CA LEU A 330 0.93 1.14 22.18
C LEU A 330 -0.07 2.23 22.56
N PRO A 331 -0.64 2.91 21.55
CA PRO A 331 -1.63 4.00 21.74
C PRO A 331 -2.94 3.58 22.38
N ASN A 332 -3.63 4.56 22.95
CA ASN A 332 -4.92 4.34 23.63
C ASN A 332 -6.02 3.92 22.65
N VAL A 333 -5.96 4.44 21.43
CA VAL A 333 -6.95 4.13 20.40
C VAL A 333 -7.11 2.62 20.17
N THR A 334 -8.34 2.21 19.87
CA THR A 334 -8.62 0.80 19.61
C THR A 334 -8.03 0.40 18.27
N LEU A 335 -7.00 -0.44 18.31
CA LEU A 335 -6.36 -0.90 17.09
C LEU A 335 -7.04 -2.15 16.53
N ASP A 336 -7.15 -2.20 15.22
CA ASP A 336 -7.77 -3.34 14.54
C ASP A 336 -6.71 -4.36 14.13
N GLY A 337 -5.55 -4.29 14.75
CA GLY A 337 -4.46 -5.19 14.43
C GLY A 337 -3.99 -6.06 15.58
N PHE A 338 -2.97 -6.87 15.31
CA PHE A 338 -2.39 -7.77 16.31
C PHE A 338 -0.88 -7.76 16.22
N ASP A 339 -0.23 -8.33 17.23
CA ASP A 339 1.22 -8.41 17.28
C ASP A 339 1.68 -9.71 16.61
N LEU A 340 2.21 -9.59 15.40
CA LEU A 340 2.68 -10.74 14.62
C LEU A 340 4.11 -11.16 14.93
N SER A 341 4.72 -10.56 15.95
CA SER A 341 6.09 -10.88 16.32
C SER A 341 6.34 -12.37 16.57
N PRO A 342 5.41 -13.07 17.24
CA PRO A 342 5.61 -14.50 17.50
C PRO A 342 5.84 -15.26 16.20
N LEU A 343 5.01 -14.94 15.20
CA LEU A 343 5.09 -15.56 13.88
C LEU A 343 6.45 -15.27 13.25
N LEU A 344 6.85 -14.01 13.31
CA LEU A 344 8.12 -13.56 12.74
C LEU A 344 9.30 -14.19 13.46
N LEU A 345 9.28 -14.16 14.80
CA LEU A 345 10.35 -14.73 15.60
C LEU A 345 10.30 -16.25 15.72
N GLY A 346 9.23 -16.85 15.20
CA GLY A 346 9.08 -18.29 15.24
C GLY A 346 8.86 -18.84 16.64
N THR A 347 8.29 -18.02 17.52
CA THR A 347 8.02 -18.43 18.90
C THR A 347 6.55 -18.75 19.10
N GLY A 348 5.76 -18.66 18.03
CA GLY A 348 4.34 -18.95 18.12
C GLY A 348 3.58 -18.70 16.83
N LYS A 349 2.25 -18.79 16.90
CA LYS A 349 1.39 -18.57 15.74
C LYS A 349 0.79 -17.17 15.72
N SER A 350 0.14 -16.81 14.61
CA SER A 350 -0.48 -15.50 14.46
C SER A 350 -1.83 -15.40 15.15
N PRO A 351 -2.12 -14.25 15.80
CA PRO A 351 -3.37 -14.02 16.50
C PRO A 351 -4.53 -13.77 15.54
N ARG A 352 -4.19 -13.50 14.28
CA ARG A 352 -5.17 -13.24 13.22
C ARG A 352 -5.95 -14.50 12.90
N GLN A 353 -7.26 -14.46 13.13
CA GLN A 353 -8.11 -15.59 12.84
C GLN A 353 -9.25 -15.17 11.91
N SER A 354 -9.51 -13.88 11.87
CA SER A 354 -10.57 -13.34 11.02
C SER A 354 -10.12 -12.06 10.34
N LEU A 355 -10.64 -11.82 9.14
CA LEU A 355 -10.33 -10.62 8.37
C LEU A 355 -11.61 -9.98 7.86
N PHE A 356 -11.63 -8.65 7.82
CA PHE A 356 -12.80 -7.92 7.36
C PHE A 356 -12.42 -7.00 6.21
N PHE A 357 -13.28 -6.95 5.19
CA PHE A 357 -13.03 -6.12 4.02
C PHE A 357 -14.15 -5.13 3.74
N TYR A 358 -13.76 -3.91 3.42
CA TYR A 358 -14.71 -2.85 3.08
C TYR A 358 -14.47 -2.46 1.61
N PRO A 359 -15.52 -2.03 0.90
CA PRO A 359 -15.43 -1.63 -0.50
C PRO A 359 -14.82 -0.23 -0.70
N SER A 360 -14.60 0.12 -1.96
CA SER A 360 -14.03 1.42 -2.31
C SER A 360 -14.94 2.52 -1.77
N TYR A 361 -16.24 2.35 -1.98
CA TYR A 361 -17.23 3.29 -1.51
C TYR A 361 -18.12 2.56 -0.50
N PRO A 362 -17.79 2.68 0.82
CA PRO A 362 -18.60 2.02 1.84
C PRO A 362 -19.75 2.85 2.37
N ASP A 363 -20.55 2.24 3.25
CA ASP A 363 -21.71 2.89 3.88
C ASP A 363 -22.12 2.10 5.13
N GLU A 364 -22.71 2.81 6.08
CA GLU A 364 -23.15 2.22 7.34
C GLU A 364 -24.30 1.20 7.26
N VAL A 365 -25.05 1.24 6.16
CA VAL A 365 -26.17 0.32 5.98
C VAL A 365 -25.73 -1.10 5.59
N ARG A 366 -24.91 -1.19 4.54
CA ARG A 366 -24.43 -2.48 4.07
C ARG A 366 -23.29 -3.01 4.94
N GLY A 367 -22.34 -2.16 5.27
CA GLY A 367 -21.23 -2.56 6.11
C GLY A 367 -20.14 -3.32 5.36
N VAL A 368 -19.50 -4.26 6.06
CA VAL A 368 -18.44 -5.07 5.47
C VAL A 368 -18.95 -5.92 4.31
N PHE A 369 -18.22 -5.91 3.20
CA PHE A 369 -18.60 -6.68 2.03
C PHE A 369 -18.20 -8.14 2.11
N ALA A 370 -16.99 -8.39 2.61
CA ALA A 370 -16.49 -9.75 2.72
C ALA A 370 -15.82 -9.99 4.07
N VAL A 371 -15.98 -11.20 4.59
CA VAL A 371 -15.37 -11.58 5.87
C VAL A 371 -14.69 -12.93 5.75
N ARG A 372 -13.48 -13.03 6.28
CA ARG A 372 -12.75 -14.28 6.24
C ARG A 372 -12.43 -14.78 7.64
N THR A 373 -12.55 -16.09 7.83
CA THR A 373 -12.25 -16.73 9.09
C THR A 373 -11.61 -18.06 8.77
N GLY A 374 -10.33 -18.19 9.09
CA GLY A 374 -9.62 -19.42 8.80
C GLY A 374 -9.48 -19.57 7.30
N LYS A 375 -10.13 -20.60 6.75
CA LYS A 375 -10.06 -20.86 5.32
C LYS A 375 -11.35 -20.55 4.57
N TYR A 376 -12.34 -20.02 5.27
CA TYR A 376 -13.63 -19.68 4.66
C TYR A 376 -13.80 -18.16 4.52
N LYS A 377 -14.24 -17.75 3.33
CA LYS A 377 -14.46 -16.33 3.05
C LYS A 377 -15.85 -16.15 2.47
N ALA A 378 -16.68 -15.37 3.16
CA ALA A 378 -18.04 -15.11 2.71
C ALA A 378 -18.12 -13.79 1.93
N HIS A 379 -19.03 -13.75 0.96
CA HIS A 379 -19.24 -12.56 0.15
C HIS A 379 -20.68 -12.09 0.29
N PHE A 380 -20.91 -11.19 1.23
CA PHE A 380 -22.25 -10.65 1.48
C PHE A 380 -22.68 -9.71 0.36
N PHE A 381 -21.72 -9.01 -0.21
CA PHE A 381 -21.97 -8.09 -1.31
C PHE A 381 -20.82 -8.20 -2.30
N THR A 382 -21.15 -8.34 -3.59
CA THR A 382 -20.13 -8.42 -4.62
C THR A 382 -20.27 -7.19 -5.51
N GLN A 383 -19.14 -6.71 -6.03
CA GLN A 383 -19.12 -5.53 -6.87
C GLN A 383 -17.92 -5.56 -7.80
N GLY A 384 -18.10 -5.00 -9.00
CA GLY A 384 -17.03 -4.96 -9.97
C GLY A 384 -16.23 -3.68 -9.77
N SER A 385 -15.38 -3.35 -10.73
CA SER A 385 -14.58 -2.12 -10.65
C SER A 385 -14.04 -1.71 -12.00
N ALA A 386 -13.94 -0.40 -12.19
CA ALA A 386 -13.42 0.15 -13.42
C ALA A 386 -11.92 -0.11 -13.47
N HIS A 387 -11.31 -0.22 -12.29
CA HIS A 387 -9.88 -0.49 -12.17
C HIS A 387 -9.60 -1.94 -12.56
N SER A 388 -10.58 -2.81 -12.34
CA SER A 388 -10.45 -4.22 -12.66
C SER A 388 -10.97 -4.59 -14.05
N ASP A 389 -11.24 -3.58 -14.88
CA ASP A 389 -11.74 -3.83 -16.23
C ASP A 389 -10.70 -4.39 -17.21
N THR A 390 -11.19 -4.78 -18.39
CA THR A 390 -10.43 -5.36 -19.50
C THR A 390 -10.00 -6.82 -19.31
N THR A 391 -10.37 -7.41 -18.17
CA THR A 391 -10.03 -8.80 -17.90
C THR A 391 -11.02 -9.75 -18.56
N ALA A 392 -10.75 -11.04 -18.42
CA ALA A 392 -11.59 -12.09 -19.00
C ALA A 392 -12.82 -12.39 -18.16
N ASP A 393 -12.67 -12.34 -16.84
CA ASP A 393 -13.76 -12.61 -15.91
C ASP A 393 -14.66 -11.40 -15.75
N PRO A 394 -15.93 -11.52 -16.13
CA PRO A 394 -16.94 -10.44 -16.05
C PRO A 394 -17.31 -9.98 -14.66
N ALA A 395 -16.94 -10.76 -13.64
CA ALA A 395 -17.25 -10.40 -12.26
C ALA A 395 -16.40 -9.24 -11.75
N CYS A 396 -15.36 -8.89 -12.50
CA CYS A 396 -14.46 -7.80 -12.13
C CYS A 396 -14.79 -6.47 -12.78
N HIS A 397 -15.40 -6.54 -13.96
CA HIS A 397 -15.76 -5.37 -14.73
C HIS A 397 -16.74 -4.45 -14.00
N ALA A 398 -16.66 -3.16 -14.32
CA ALA A 398 -17.53 -2.14 -13.73
C ALA A 398 -18.98 -2.42 -14.08
N SER A 399 -19.18 -3.19 -15.15
CA SER A 399 -20.51 -3.58 -15.62
C SER A 399 -21.22 -4.35 -14.50
N SER A 400 -20.46 -5.16 -13.77
CA SER A 400 -21.00 -5.95 -12.66
C SER A 400 -21.34 -5.02 -11.51
N SER A 401 -22.63 -4.74 -11.35
CA SER A 401 -23.07 -3.86 -10.29
C SER A 401 -23.10 -4.52 -8.92
N LEU A 402 -23.26 -3.70 -7.88
CA LEU A 402 -23.32 -4.16 -6.50
C LEU A 402 -24.52 -5.06 -6.28
N THR A 403 -24.25 -6.33 -5.99
CA THR A 403 -25.32 -7.30 -5.74
C THR A 403 -25.21 -7.89 -4.34
N ALA A 404 -26.34 -8.05 -3.67
CA ALA A 404 -26.39 -8.61 -2.33
C ALA A 404 -26.44 -10.14 -2.39
N HIS A 405 -26.04 -10.79 -1.30
CA HIS A 405 -26.03 -12.25 -1.26
C HIS A 405 -26.55 -12.85 0.05
N GLU A 406 -27.67 -13.55 -0.03
CA GLU A 406 -28.27 -14.21 1.13
C GLU A 406 -28.85 -15.57 0.78
N PRO A 407 -28.19 -16.65 1.21
CA PRO A 407 -26.97 -16.63 2.02
C PRO A 407 -25.75 -16.17 1.19
N PRO A 408 -24.69 -15.69 1.87
CA PRO A 408 -23.48 -15.23 1.17
C PRO A 408 -22.76 -16.32 0.42
N LEU A 409 -21.99 -15.92 -0.59
CA LEU A 409 -21.23 -16.87 -1.38
C LEU A 409 -20.07 -17.33 -0.49
N LEU A 410 -20.07 -18.61 -0.13
CA LEU A 410 -19.03 -19.16 0.74
C LEU A 410 -17.94 -19.87 -0.07
N TYR A 411 -16.70 -19.46 0.16
CA TYR A 411 -15.56 -20.04 -0.55
C TYR A 411 -14.54 -20.63 0.41
N ASP A 412 -14.06 -21.83 0.09
CA ASP A 412 -13.04 -22.48 0.90
C ASP A 412 -11.74 -22.12 0.19
N LEU A 413 -11.09 -21.06 0.67
CA LEU A 413 -9.85 -20.57 0.09
C LEU A 413 -8.67 -21.54 0.12
N SER A 414 -8.68 -22.48 1.06
CA SER A 414 -7.59 -23.44 1.18
C SER A 414 -7.50 -24.36 -0.03
N LYS A 415 -8.64 -24.63 -0.65
CA LYS A 415 -8.69 -25.50 -1.82
C LYS A 415 -9.17 -24.74 -3.06
N ASP A 416 -9.72 -23.54 -2.83
CA ASP A 416 -10.24 -22.70 -3.90
C ASP A 416 -9.91 -21.22 -3.67
N PRO A 417 -8.62 -20.86 -3.73
CA PRO A 417 -8.22 -19.47 -3.53
C PRO A 417 -8.66 -18.56 -4.68
N GLY A 418 -9.05 -19.19 -5.79
CA GLY A 418 -9.48 -18.43 -6.95
C GLY A 418 -10.93 -17.97 -6.89
N GLU A 419 -11.67 -18.43 -5.88
CA GLU A 419 -13.07 -18.06 -5.69
C GLU A 419 -13.94 -18.39 -6.90
N ASN A 420 -13.95 -19.66 -7.30
CA ASN A 420 -14.74 -20.11 -8.44
C ASN A 420 -15.91 -20.99 -8.05
N TYR A 421 -15.78 -21.68 -6.93
CA TYR A 421 -16.82 -22.61 -6.50
C TYR A 421 -17.46 -22.31 -5.15
N ASN A 422 -18.69 -21.80 -5.21
CA ASN A 422 -19.45 -21.45 -4.02
C ASN A 422 -19.97 -22.70 -3.33
N LEU A 423 -19.66 -22.83 -2.04
CA LEU A 423 -20.10 -23.99 -1.27
C LEU A 423 -21.60 -23.99 -1.05
N LEU A 424 -22.14 -22.87 -0.59
CA LEU A 424 -23.57 -22.74 -0.36
C LEU A 424 -24.38 -22.84 -1.63
N GLY A 425 -23.69 -22.80 -2.77
CA GLY A 425 -24.38 -22.90 -4.05
C GLY A 425 -24.95 -24.29 -4.18
N GLY A 426 -26.08 -24.52 -3.52
CA GLY A 426 -26.75 -25.80 -3.56
C GLY A 426 -27.95 -25.80 -2.61
N ALA A 430 -24.82 -27.07 3.82
CA ALA A 430 -24.59 -28.51 3.48
C ALA A 430 -23.75 -29.19 4.56
N THR A 431 -22.46 -29.39 4.27
CA THR A 431 -21.53 -30.02 5.20
C THR A 431 -21.56 -29.27 6.54
N PRO A 432 -21.75 -29.99 7.65
CA PRO A 432 -21.79 -29.40 8.98
C PRO A 432 -20.63 -28.45 9.27
N GLU A 433 -19.47 -28.71 8.67
CA GLU A 433 -18.31 -27.85 8.85
C GLU A 433 -18.59 -26.51 8.17
N VAL A 434 -19.07 -26.59 6.92
CA VAL A 434 -19.41 -25.40 6.13
C VAL A 434 -20.53 -24.62 6.83
N LEU A 435 -21.58 -25.33 7.20
CA LEU A 435 -22.73 -24.73 7.87
C LEU A 435 -22.33 -24.04 9.16
N GLN A 436 -21.36 -24.61 9.87
CA GLN A 436 -20.88 -24.04 11.13
C GLN A 436 -20.07 -22.79 10.85
N ALA A 437 -19.40 -22.77 9.70
CA ALA A 437 -18.59 -21.64 9.29
C ALA A 437 -19.48 -20.49 8.84
N LEU A 438 -20.55 -20.83 8.12
CA LEU A 438 -21.51 -19.83 7.63
C LEU A 438 -22.04 -19.01 8.80
N LYS A 439 -22.46 -19.70 9.86
CA LYS A 439 -22.99 -19.03 11.05
C LYS A 439 -21.98 -18.12 11.73
N GLN A 440 -20.72 -18.56 11.78
CA GLN A 440 -19.66 -17.76 12.40
C GLN A 440 -19.39 -16.51 11.57
N LEU A 441 -19.34 -16.69 10.25
CA LEU A 441 -19.09 -15.58 9.33
C LEU A 441 -20.22 -14.55 9.37
N GLN A 442 -21.46 -15.04 9.42
CA GLN A 442 -22.61 -14.16 9.48
C GLN A 442 -22.67 -13.39 10.79
N LEU A 443 -22.19 -14.01 11.86
CA LEU A 443 -22.17 -13.38 13.18
C LEU A 443 -21.05 -12.36 13.25
N LEU A 444 -19.88 -12.71 12.71
CA LEU A 444 -18.72 -11.83 12.71
C LEU A 444 -19.04 -10.52 12.00
N LYS A 445 -19.75 -10.62 10.88
CA LYS A 445 -20.15 -9.45 10.12
C LYS A 445 -21.04 -8.58 10.98
N ALA A 446 -22.16 -9.15 11.44
CA ALA A 446 -23.11 -8.44 12.28
C ALA A 446 -22.51 -7.77 13.50
N GLN A 447 -21.60 -8.47 14.17
CA GLN A 447 -20.94 -7.93 15.37
C GLN A 447 -20.05 -6.73 15.07
N LEU A 448 -19.38 -6.76 13.92
CA LEU A 448 -18.50 -5.66 13.52
C LEU A 448 -19.32 -4.47 13.06
N ASP A 449 -20.28 -4.71 12.17
CA ASP A 449 -21.15 -3.67 11.65
C ASP A 449 -21.77 -2.86 12.79
N ALA A 450 -22.16 -3.56 13.85
CA ALA A 450 -22.77 -2.93 15.01
C ALA A 450 -21.76 -2.12 15.82
N ALA A 451 -20.57 -2.68 16.01
CA ALA A 451 -19.50 -2.04 16.77
C ALA A 451 -18.84 -0.85 16.07
N VAL A 452 -18.31 -1.11 14.88
CA VAL A 452 -17.64 -0.07 14.10
C VAL A 452 -18.61 1.02 13.63
N THR A 453 -18.26 2.27 13.93
CA THR A 453 -19.06 3.42 13.53
C THR A 453 -18.25 4.25 12.53
N PHE A 454 -18.86 4.54 11.39
CA PHE A 454 -18.18 5.30 10.34
C PHE A 454 -17.81 6.72 10.75
N GLY A 455 -16.52 7.04 10.61
CA GLY A 455 -16.04 8.36 10.94
C GLY A 455 -16.39 9.32 9.80
N PRO A 456 -16.55 10.62 10.09
CA PRO A 456 -16.88 11.65 9.10
C PRO A 456 -16.03 11.57 7.84
N SER A 457 -16.68 11.36 6.71
CA SER A 457 -16.03 11.26 5.41
C SER A 457 -15.16 12.47 5.08
N GLN A 458 -13.84 12.27 5.06
CA GLN A 458 -12.89 13.32 4.75
C GLN A 458 -12.97 13.78 3.30
N VAL A 459 -13.19 12.81 2.40
CA VAL A 459 -13.29 13.08 0.96
C VAL A 459 -14.57 13.85 0.62
N ALA A 460 -15.51 13.88 1.56
CA ALA A 460 -16.77 14.57 1.38
C ALA A 460 -16.66 16.03 1.80
N ARG A 461 -15.52 16.41 2.38
CA ARG A 461 -15.28 17.77 2.83
C ARG A 461 -15.22 18.77 1.67
N GLY A 462 -15.03 18.26 0.46
CA GLY A 462 -14.99 19.12 -0.70
C GLY A 462 -13.62 19.40 -1.29
N GLU A 463 -13.62 20.07 -2.43
CA GLU A 463 -12.40 20.41 -3.13
C GLU A 463 -12.23 21.93 -3.26
N ASP A 464 -11.05 22.39 -2.89
CA ASP A 464 -10.72 23.79 -2.99
C ASP A 464 -9.43 23.85 -3.81
N PRO A 465 -9.52 24.30 -5.10
CA PRO A 465 -8.37 24.42 -5.98
C PRO A 465 -7.26 25.29 -5.38
N ALA A 466 -7.61 26.21 -4.48
CA ALA A 466 -6.61 27.10 -3.85
C ALA A 466 -5.60 26.33 -2.99
N LEU A 467 -5.88 25.05 -2.77
CA LEU A 467 -5.01 24.21 -1.97
C LEU A 467 -3.94 23.48 -2.76
N GLN A 468 -3.96 23.63 -4.09
CA GLN A 468 -2.98 22.98 -4.95
C GLN A 468 -1.57 23.53 -4.76
N ILE A 469 -0.65 22.67 -4.39
CA ILE A 469 0.74 23.07 -4.19
C ILE A 469 1.33 23.69 -5.44
N CYS A 470 1.64 24.98 -5.35
CA CYS A 470 2.23 25.74 -6.45
C CYS A 470 3.66 26.14 -6.13
N CYS A 471 4.53 25.98 -7.11
CA CYS A 471 5.94 26.32 -6.94
C CYS A 471 6.09 27.83 -6.76
N HIS A 472 5.33 28.59 -7.54
CA HIS A 472 5.35 30.05 -7.47
C HIS A 472 4.07 30.52 -6.79
N PRO A 473 4.15 30.89 -5.49
CA PRO A 473 2.97 31.37 -4.75
C PRO A 473 2.44 32.69 -5.30
N GLY A 474 1.12 32.78 -5.45
CA GLY A 474 0.51 33.98 -5.99
C GLY A 474 0.89 34.09 -7.46
N CYS A 475 0.76 32.97 -8.14
CA CYS A 475 1.11 32.84 -9.55
C CYS A 475 -0.06 33.08 -10.51
N THR A 476 0.29 33.31 -11.78
CA THR A 476 -0.69 33.54 -12.85
C THR A 476 -0.05 33.15 -14.18
N PRO A 477 -0.77 32.41 -15.03
CA PRO A 477 -2.12 31.90 -14.78
C PRO A 477 -2.08 30.50 -14.18
N ARG A 478 -2.67 30.33 -13.00
CA ARG A 478 -2.69 29.03 -12.35
C ARG A 478 -3.71 28.09 -13.00
N PRO A 479 -3.48 26.78 -12.93
CA PRO A 479 -2.34 26.11 -12.29
C PRO A 479 -1.15 25.93 -13.25
N ALA A 480 -1.39 26.17 -14.54
CA ALA A 480 -0.38 26.01 -15.59
C ALA A 480 0.95 26.70 -15.35
N CYS A 481 0.93 27.73 -14.52
CA CYS A 481 2.12 28.53 -14.25
C CYS A 481 2.99 28.08 -13.08
N CYS A 482 2.65 26.94 -12.48
CA CYS A 482 3.40 26.43 -11.36
C CYS A 482 4.48 25.49 -11.85
N HIS A 483 5.68 26.03 -12.05
CA HIS A 483 6.82 25.27 -12.56
C HIS A 483 8.13 25.46 -11.81
N CYS A 484 9.01 24.49 -12.01
CA CYS A 484 10.36 24.47 -11.44
C CYS A 484 10.98 23.08 -11.66
N PRO A 485 11.28 22.75 -12.93
CA PRO A 485 11.87 21.45 -13.26
C PRO A 485 13.29 21.32 -12.68
N ASP A 486 14.00 20.29 -13.12
CA ASP A 486 15.36 20.03 -12.68
C ASP A 486 16.34 20.37 -13.80
#